data_1GG6
#
_entry.id   1GG6
#
_cell.length_a   69.190
_cell.length_b   69.190
_cell.length_c   95.440
_cell.angle_alpha   90.00
_cell.angle_beta   90.00
_cell.angle_gamma   90.00
#
_symmetry.space_group_name_H-M   'P 42 21 2'
#
loop_
_entity.id
_entity.type
_entity.pdbx_description
1 polymer 'GAMMA CHYMOTRYPSIN'
2 polymer 'GAMMA CHYMOTRYPSIN'
3 polymer 'GAMMA CHYMOTRYPSIN'
4 non-polymer 'SULFATE ION'
5 non-polymer N-(1-BENZYL-3,3,3-TRIFLUORO-2,2-DIHYDROXY-PROPYL)-ACETAMIDE
6 non-polymer 1,2-ETHANEDIOL
7 non-polymer '1,1,1-TRIFLUORO-3-ACETAMIDO-4-PHENYL BUTAN-2-ONE(N-ACETYL-L-PHENYLALANYL TRIFLUOROMETHYL KETONE)'
8 water water
#
loop_
_entity_poly.entity_id
_entity_poly.type
_entity_poly.pdbx_seq_one_letter_code
_entity_poly.pdbx_strand_id
1 'polypeptide(L)' CGVPAIQPVL A
2 'polypeptide(L)'
;IVNGEEAVPGSWPWQVSLQDKTGFHFCGGSLINENWVVTAAHCGVTTSDVVVAGEFDQGSSSEKIQKLKIAKVFKNSKYN
SLTINNDITLLKLSTAASFSQTVSAVCLPSASDDFAAGTTCVTTGWGLTRY
;
B
3 'polypeptide(L)'
;ANTPDRLQQASLPLLSNTNCKKYWGTKIKDAMICAGASGVSSCMGDSGGPLVCKKNGAWTLVGIVSWGSSTCSTSTPGVY
ARVTALVNWVQQTLAAN
;
C
#
loop_
_chem_comp.id
_chem_comp.type
_chem_comp.name
_chem_comp.formula
APF non-polymer '1,1,1-TRIFLUORO-3-ACETAMIDO-4-PHENYL BUTAN-2-ONE(N-ACETYL-L-PHENYLALANYL TRIFLUOROMETHYL KETONE)' 'C12 H12 F3 N O2'
APL non-polymer N-(1-BENZYL-3,3,3-TRIFLUORO-2,2-DIHYDROXY-PROPYL)-ACETAMIDE 'C12 H14 F3 N O3'
EDO non-polymer 1,2-ETHANEDIOL 'C2 H6 O2'
SO4 non-polymer 'SULFATE ION' 'O4 S -2'
#
# COMPACT_ATOMS: atom_id res chain seq x y z
N CYS A 1 -8.80 10.49 -10.42
CA CYS A 1 -7.86 9.57 -9.69
C CYS A 1 -7.86 8.19 -10.33
N GLY A 2 -6.89 7.37 -9.92
CA GLY A 2 -6.82 5.99 -10.36
C GLY A 2 -6.53 5.55 -11.79
N VAL A 3 -6.19 6.47 -12.68
CA VAL A 3 -5.88 6.08 -14.06
C VAL A 3 -4.45 6.48 -14.40
N PRO A 4 -3.50 5.55 -14.27
CA PRO A 4 -2.10 5.85 -14.58
C PRO A 4 -1.90 6.30 -16.03
N ALA A 5 -1.03 7.30 -16.21
CA ALA A 5 -0.71 7.80 -17.54
C ALA A 5 0.03 6.69 -18.28
N ILE A 6 0.83 5.94 -17.53
CA ILE A 6 1.57 4.81 -18.08
C ILE A 6 0.83 3.57 -17.60
N GLN A 7 0.10 2.94 -18.51
CA GLN A 7 -0.70 1.77 -18.19
C GLN A 7 0.05 0.54 -17.68
N PRO A 8 -0.34 0.07 -16.48
CA PRO A 8 0.35 -1.11 -15.95
C PRO A 8 0.02 -2.33 -16.80
N VAL A 9 0.97 -3.26 -16.89
CA VAL A 9 0.78 -4.48 -17.65
C VAL A 9 1.10 -5.66 -16.75
N LEU A 10 0.10 -6.48 -16.47
CA LEU A 10 0.28 -7.65 -15.61
C LEU A 10 0.66 -8.87 -16.46
N ILE B 1 7.33 -8.59 -2.42
CA ILE B 1 6.35 -9.56 -3.00
C ILE B 1 7.05 -10.83 -3.49
N VAL B 2 6.63 -11.97 -2.96
CA VAL B 2 7.19 -13.26 -3.35
C VAL B 2 6.38 -13.76 -4.54
N ASN B 3 7.10 -14.20 -5.57
CA ASN B 3 6.47 -14.73 -6.79
C ASN B 3 5.73 -13.68 -7.61
N GLY B 4 6.12 -12.42 -7.46
CA GLY B 4 5.50 -11.36 -8.26
C GLY B 4 6.34 -11.18 -9.51
N GLU B 5 6.28 -9.99 -10.09
CA GLU B 5 7.04 -9.68 -11.29
C GLU B 5 7.37 -8.20 -11.32
N GLU B 6 8.38 -7.84 -12.10
CA GLU B 6 8.79 -6.45 -12.22
C GLU B 6 7.66 -5.66 -12.88
N ALA B 7 7.39 -4.46 -12.37
CA ALA B 7 6.35 -3.62 -12.95
C ALA B 7 6.88 -2.76 -14.09
N VAL B 8 5.96 -2.26 -14.92
CA VAL B 8 6.36 -1.36 -16.01
C VAL B 8 6.74 -0.09 -15.27
N PRO B 9 7.91 0.47 -15.57
CA PRO B 9 8.32 1.69 -14.87
C PRO B 9 7.28 2.81 -14.89
N GLY B 10 6.97 3.33 -13.70
CA GLY B 10 6.01 4.42 -13.57
C GLY B 10 4.53 4.11 -13.76
N SER B 11 4.18 2.83 -13.88
CA SER B 11 2.78 2.43 -14.08
C SER B 11 1.91 2.37 -12.82
N TRP B 12 2.52 2.61 -11.66
CA TRP B 12 1.80 2.64 -10.38
C TRP B 12 2.24 3.99 -9.81
N PRO B 13 1.78 5.09 -10.43
CA PRO B 13 2.11 6.46 -10.04
C PRO B 13 1.86 6.90 -8.61
N TRP B 14 0.96 6.21 -7.91
CA TRP B 14 0.67 6.57 -6.53
C TRP B 14 1.62 5.90 -5.56
N GLN B 15 2.31 4.86 -6.02
CA GLN B 15 3.24 4.12 -5.17
C GLN B 15 4.44 4.97 -4.75
N VAL B 16 4.59 5.18 -3.44
CA VAL B 16 5.73 5.92 -2.93
C VAL B 16 6.53 4.99 -2.04
N SER B 17 7.78 5.37 -1.78
CA SER B 17 8.65 4.59 -0.93
C SER B 17 8.91 5.45 0.30
N LEU B 18 8.75 4.85 1.48
CA LEU B 18 9.02 5.58 2.72
C LEU B 18 10.44 5.19 3.09
N GLN B 19 11.32 6.18 3.18
CA GLN B 19 12.72 5.93 3.53
C GLN B 19 13.13 6.71 4.77
N ASP B 20 14.01 6.16 5.59
CA ASP B 20 14.45 6.88 6.78
C ASP B 20 15.55 7.86 6.39
N LYS B 21 16.09 8.61 7.34
CA LYS B 21 17.12 9.59 7.02
C LYS B 21 18.38 9.02 6.37
N THR B 22 18.57 7.70 6.43
CA THR B 22 19.75 7.09 5.82
C THR B 22 19.47 6.62 4.39
N GLY B 23 18.23 6.80 3.93
CA GLY B 23 17.85 6.39 2.59
C GLY B 23 17.37 4.95 2.48
N PHE B 24 17.19 4.31 3.64
CA PHE B 24 16.74 2.93 3.69
C PHE B 24 15.23 2.84 3.50
N HIS B 25 14.80 2.03 2.54
CA HIS B 25 13.37 1.85 2.28
C HIS B 25 12.79 0.93 3.37
N PHE B 26 11.77 1.38 4.08
CA PHE B 26 11.18 0.56 5.13
C PHE B 26 9.68 0.30 4.99
N CYS B 27 9.05 0.99 4.04
CA CYS B 27 7.61 0.80 3.85
C CYS B 27 7.15 1.43 2.56
N GLY B 28 5.98 1.01 2.10
CA GLY B 28 5.40 1.58 0.90
C GLY B 28 4.35 2.59 1.33
N GLY B 29 3.74 3.25 0.35
CA GLY B 29 2.71 4.24 0.64
C GLY B 29 1.96 4.56 -0.64
N SER B 30 0.82 5.23 -0.52
CA SER B 30 0.02 5.59 -1.69
C SER B 30 -0.43 7.04 -1.64
N LEU B 31 -0.18 7.77 -2.73
CA LEU B 31 -0.60 9.17 -2.81
C LEU B 31 -2.09 9.20 -3.10
N ILE B 32 -2.84 10.00 -2.34
CA ILE B 32 -4.27 10.14 -2.55
C ILE B 32 -4.59 11.51 -3.14
N ASN B 33 -3.58 12.38 -3.14
CA ASN B 33 -3.63 13.71 -3.74
C ASN B 33 -2.23 14.32 -3.61
N GLU B 34 -2.05 15.55 -4.05
CA GLU B 34 -0.71 16.15 -4.01
C GLU B 34 -0.08 16.38 -2.64
N ASN B 35 -0.90 16.40 -1.59
CA ASN B 35 -0.36 16.68 -0.26
C ASN B 35 -0.49 15.58 0.77
N TRP B 36 -1.13 14.48 0.42
CA TRP B 36 -1.33 13.42 1.39
C TRP B 36 -0.96 12.02 0.91
N VAL B 37 -0.36 11.25 1.81
CA VAL B 37 0.02 9.88 1.53
C VAL B 37 -0.64 8.96 2.56
N VAL B 38 -1.19 7.84 2.10
CA VAL B 38 -1.80 6.87 3.00
C VAL B 38 -0.84 5.69 3.11
N THR B 39 -0.59 5.25 4.34
CA THR B 39 0.31 4.13 4.59
C THR B 39 -0.21 3.36 5.81
N ALA B 40 0.56 2.38 6.28
CA ALA B 40 0.15 1.59 7.44
C ALA B 40 0.66 2.23 8.71
N ALA B 41 -0.15 2.20 9.76
CA ALA B 41 0.22 2.79 11.03
C ALA B 41 1.43 2.07 11.62
N HIS B 42 1.52 0.75 11.42
CA HIS B 42 2.63 -0.02 11.95
C HIS B 42 3.99 0.31 11.30
N CYS B 43 3.98 1.15 10.27
CA CYS B 43 5.23 1.55 9.62
C CYS B 43 5.99 2.52 10.55
N GLY B 44 5.31 2.97 11.60
CA GLY B 44 5.92 3.86 12.57
C GLY B 44 6.63 5.09 12.03
N VAL B 45 6.03 5.71 11.01
CA VAL B 45 6.61 6.90 10.39
C VAL B 45 6.71 8.11 11.32
N THR B 46 7.80 8.86 11.18
CA THR B 46 8.01 10.09 11.95
C THR B 46 8.35 11.17 10.94
N THR B 47 8.42 12.42 11.37
CA THR B 47 8.73 13.51 10.46
C THR B 47 10.18 13.53 10.02
N SER B 48 10.96 12.59 10.52
CA SER B 48 12.37 12.50 10.13
C SER B 48 12.50 11.56 8.92
N ASP B 49 11.40 10.87 8.60
CA ASP B 49 11.39 9.97 7.44
C ASP B 49 10.97 10.80 6.23
N VAL B 50 11.16 10.26 5.04
CA VAL B 50 10.80 10.97 3.82
C VAL B 50 9.94 10.13 2.87
N VAL B 51 9.13 10.82 2.08
CA VAL B 51 8.28 10.18 1.09
C VAL B 51 8.96 10.35 -0.26
N VAL B 52 9.22 9.25 -0.96
CA VAL B 52 9.85 9.34 -2.27
C VAL B 52 8.86 8.92 -3.33
N ALA B 53 8.54 9.86 -4.22
CA ALA B 53 7.59 9.61 -5.31
C ALA B 53 8.32 9.54 -6.65
N GLY B 54 7.72 8.84 -7.60
CA GLY B 54 8.30 8.71 -8.93
C GLY B 54 9.48 7.75 -9.05
N GLU B 55 9.64 6.87 -8.06
CA GLU B 55 10.74 5.91 -8.10
C GLU B 55 10.35 4.55 -8.65
N PHE B 56 11.29 3.89 -9.32
CA PHE B 56 11.06 2.56 -9.86
C PHE B 56 12.22 1.68 -9.42
N ASP B 57 13.43 2.05 -9.82
CA ASP B 57 14.65 1.32 -9.50
C ASP B 57 15.38 2.06 -8.38
N GLN B 58 15.31 1.53 -7.17
CA GLN B 58 15.96 2.18 -6.04
C GLN B 58 17.47 2.10 -6.08
N GLY B 59 17.98 1.33 -7.04
CA GLY B 59 19.42 1.21 -7.18
C GLY B 59 19.91 2.14 -8.28
N SER B 60 18.98 2.87 -8.89
CA SER B 60 19.31 3.80 -9.96
C SER B 60 19.40 5.24 -9.48
N SER B 61 20.34 5.98 -10.06
CA SER B 61 20.54 7.38 -9.72
C SER B 61 20.01 8.29 -10.84
N SER B 62 19.53 7.68 -11.92
CA SER B 62 19.06 8.45 -13.06
C SER B 62 17.56 8.71 -13.13
N GLU B 63 16.84 8.43 -12.05
CA GLU B 63 15.39 8.66 -12.06
C GLU B 63 15.09 10.03 -11.45
N LYS B 64 14.13 10.73 -12.04
CA LYS B 64 13.78 12.04 -11.54
C LYS B 64 12.72 11.92 -10.46
N ILE B 65 13.15 11.46 -9.30
CA ILE B 65 12.24 11.28 -8.17
C ILE B 65 12.02 12.56 -7.40
N GLN B 66 11.03 12.52 -6.52
CA GLN B 66 10.70 13.66 -5.66
C GLN B 66 10.80 13.19 -4.21
N LYS B 67 11.81 13.71 -3.50
CA LYS B 67 12.01 13.38 -2.09
C LYS B 67 11.25 14.43 -1.31
N LEU B 68 10.09 14.05 -0.78
CA LEU B 68 9.23 14.97 -0.06
C LEU B 68 9.25 14.85 1.45
N LYS B 69 9.41 15.99 2.13
CA LYS B 69 9.43 16.02 3.58
C LYS B 69 8.02 15.85 4.13
N ILE B 70 7.92 15.27 5.32
CA ILE B 70 6.64 15.03 5.99
C ILE B 70 6.43 16.08 7.08
N ALA B 71 5.35 16.85 6.96
CA ALA B 71 5.05 17.88 7.94
C ALA B 71 4.37 17.32 9.18
N LYS B 72 3.43 16.41 8.98
CA LYS B 72 2.70 15.83 10.09
C LYS B 72 2.29 14.38 9.86
N VAL B 73 2.28 13.61 10.95
CA VAL B 73 1.92 12.21 10.93
C VAL B 73 0.60 12.00 11.68
N PHE B 74 -0.42 11.52 10.98
CA PHE B 74 -1.72 11.28 11.57
C PHE B 74 -2.01 9.78 11.68
N LYS B 75 -1.79 9.23 12.86
CA LYS B 75 -2.04 7.82 13.12
C LYS B 75 -3.51 7.71 13.54
N ASN B 76 -4.29 6.90 12.83
CA ASN B 76 -5.71 6.73 13.16
C ASN B 76 -5.84 6.37 14.63
N SER B 77 -6.62 7.14 15.38
CA SER B 77 -6.80 6.89 16.82
C SER B 77 -7.35 5.49 17.09
N LYS B 78 -8.03 4.91 16.11
CA LYS B 78 -8.59 3.57 16.26
C LYS B 78 -7.53 2.50 16.14
N TYR B 79 -6.37 2.87 15.65
CA TYR B 79 -5.29 1.92 15.48
C TYR B 79 -4.93 1.16 16.76
N ASN B 80 -4.88 -0.17 16.66
CA ASN B 80 -4.50 -1.02 17.77
C ASN B 80 -3.29 -1.78 17.28
N SER B 81 -2.11 -1.38 17.76
CA SER B 81 -0.85 -1.98 17.33
C SER B 81 -0.61 -3.41 17.81
N LEU B 82 -1.33 -3.82 18.86
CA LEU B 82 -1.15 -5.17 19.40
C LEU B 82 -1.95 -6.21 18.59
N THR B 83 -3.05 -5.77 17.98
CA THR B 83 -3.87 -6.66 17.16
C THR B 83 -3.68 -6.24 15.69
N ILE B 84 -2.92 -5.17 15.49
CA ILE B 84 -2.65 -4.60 14.18
C ILE B 84 -3.96 -4.34 13.43
N ASN B 85 -4.94 -3.79 14.15
CA ASN B 85 -6.24 -3.47 13.55
C ASN B 85 -6.33 -1.98 13.28
N ASN B 86 -7.10 -1.61 12.26
CA ASN B 86 -7.26 -0.21 11.86
C ASN B 86 -5.86 0.34 11.59
N ASP B 87 -5.07 -0.47 10.89
CA ASP B 87 -3.67 -0.19 10.56
C ASP B 87 -3.48 0.87 9.47
N ILE B 88 -3.77 2.12 9.78
CA ILE B 88 -3.65 3.17 8.78
C ILE B 88 -3.14 4.49 9.36
N THR B 89 -2.26 5.14 8.61
CA THR B 89 -1.70 6.43 9.01
C THR B 89 -1.69 7.33 7.79
N LEU B 90 -1.94 8.62 8.01
CA LEU B 90 -1.93 9.60 6.94
C LEU B 90 -0.69 10.48 7.13
N LEU B 91 -0.04 10.82 6.02
CA LEU B 91 1.13 11.67 6.08
C LEU B 91 0.84 12.94 5.30
N LYS B 92 0.94 14.09 5.97
CA LYS B 92 0.72 15.36 5.31
C LYS B 92 2.09 15.87 4.90
N LEU B 93 2.28 16.14 3.61
CA LEU B 93 3.56 16.61 3.11
C LEU B 93 3.79 18.08 3.42
N SER B 94 5.05 18.45 3.62
CA SER B 94 5.40 19.84 3.88
C SER B 94 5.17 20.63 2.59
N THR B 95 5.57 20.02 1.48
CA THR B 95 5.41 20.63 0.16
C THR B 95 4.71 19.63 -0.76
N ALA B 96 3.75 20.12 -1.52
CA ALA B 96 2.98 19.29 -2.43
C ALA B 96 3.82 18.59 -3.48
N ALA B 97 3.44 17.36 -3.80
CA ALA B 97 4.13 16.59 -4.83
C ALA B 97 3.71 17.20 -6.17
N SER B 98 4.57 17.08 -7.17
CA SER B 98 4.25 17.62 -8.48
C SER B 98 3.74 16.47 -9.34
N PHE B 99 2.43 16.42 -9.58
CA PHE B 99 1.87 15.34 -10.36
C PHE B 99 2.36 15.37 -11.80
N SER B 100 2.56 14.18 -12.34
CA SER B 100 3.06 14.01 -13.69
C SER B 100 2.66 12.63 -14.22
N GLN B 101 3.34 12.17 -15.26
CA GLN B 101 3.05 10.87 -15.84
C GLN B 101 3.36 9.75 -14.85
N THR B 102 4.44 9.94 -14.08
CA THR B 102 4.88 8.94 -13.11
C THR B 102 4.45 9.20 -11.66
N VAL B 103 3.73 10.29 -11.43
CA VAL B 103 3.28 10.63 -10.08
C VAL B 103 1.85 11.16 -10.11
N SER B 104 0.93 10.40 -9.51
CA SER B 104 -0.47 10.80 -9.46
C SER B 104 -1.21 10.01 -8.36
N ALA B 105 -2.49 10.30 -8.17
CA ALA B 105 -3.25 9.68 -7.08
C ALA B 105 -4.10 8.45 -7.37
N VAL B 106 -4.21 7.60 -6.35
CA VAL B 106 -5.03 6.41 -6.43
C VAL B 106 -6.41 6.87 -5.94
N CYS B 107 -7.46 6.15 -6.29
CA CYS B 107 -8.80 6.49 -5.85
C CYS B 107 -9.07 5.82 -4.52
N LEU B 108 -9.94 6.44 -3.74
CA LEU B 108 -10.34 5.89 -2.45
C LEU B 108 -11.79 5.41 -2.67
N PRO B 109 -12.18 4.33 -2.00
CA PRO B 109 -13.55 3.83 -2.18
C PRO B 109 -14.52 4.55 -1.25
N SER B 110 -15.82 4.37 -1.48
CA SER B 110 -16.83 4.93 -0.61
C SER B 110 -16.92 3.87 0.49
N ALA B 111 -17.24 4.27 1.72
CA ALA B 111 -17.32 3.33 2.83
C ALA B 111 -18.29 2.17 2.57
N SER B 112 -19.30 2.42 1.75
CA SER B 112 -20.32 1.42 1.44
C SER B 112 -20.02 0.56 0.21
N ASP B 113 -18.88 0.78 -0.43
CA ASP B 113 -18.50 0.01 -1.62
C ASP B 113 -18.27 -1.46 -1.29
N ASP B 114 -18.75 -2.34 -2.16
CA ASP B 114 -18.57 -3.78 -1.94
C ASP B 114 -17.52 -4.39 -2.86
N PHE B 115 -16.56 -5.08 -2.25
CA PHE B 115 -15.50 -5.75 -3.00
C PHE B 115 -15.62 -7.22 -2.63
N ALA B 116 -16.22 -7.98 -3.53
CA ALA B 116 -16.47 -9.41 -3.33
C ALA B 116 -15.27 -10.34 -3.28
N ALA B 117 -15.42 -11.41 -2.51
CA ALA B 117 -14.38 -12.42 -2.41
C ALA B 117 -14.29 -13.00 -3.82
N GLY B 118 -13.06 -13.25 -4.28
CA GLY B 118 -12.88 -13.79 -5.62
C GLY B 118 -12.44 -12.72 -6.61
N THR B 119 -12.63 -11.46 -6.25
CA THR B 119 -12.24 -10.33 -7.10
C THR B 119 -10.72 -10.31 -7.19
N THR B 120 -10.19 -10.15 -8.39
CA THR B 120 -8.75 -10.11 -8.55
C THR B 120 -8.26 -8.68 -8.51
N CYS B 121 -7.31 -8.44 -7.61
CA CYS B 121 -6.73 -7.12 -7.44
C CYS B 121 -5.24 -7.22 -7.61
N VAL B 122 -4.53 -6.13 -7.33
CA VAL B 122 -3.08 -6.11 -7.49
C VAL B 122 -2.40 -5.40 -6.32
N THR B 123 -1.25 -5.91 -5.91
CA THR B 123 -0.49 -5.27 -4.84
C THR B 123 0.91 -5.01 -5.41
N THR B 124 1.54 -3.93 -4.97
CA THR B 124 2.86 -3.55 -5.46
C THR B 124 3.79 -3.16 -4.32
N GLY B 125 5.09 -3.17 -4.58
CA GLY B 125 6.05 -2.80 -3.56
C GLY B 125 7.46 -3.30 -3.77
N TRP B 126 8.37 -2.87 -2.88
CA TRP B 126 9.77 -3.26 -2.92
C TRP B 126 10.11 -4.22 -1.78
N GLY B 127 9.11 -4.96 -1.29
CA GLY B 127 9.37 -5.89 -0.21
C GLY B 127 10.15 -7.10 -0.71
N LEU B 128 10.57 -7.96 0.21
CA LEU B 128 11.35 -9.15 -0.16
C LEU B 128 10.64 -9.99 -1.23
N THR B 129 11.43 -10.53 -2.17
CA THR B 129 10.89 -11.39 -3.22
C THR B 129 11.16 -12.83 -2.82
N ARG B 130 11.98 -12.99 -1.79
CA ARG B 130 12.33 -14.29 -1.25
C ARG B 130 12.60 -14.11 0.23
N TYR B 131 11.88 -14.86 1.05
CA TYR B 131 12.01 -14.79 2.49
C TYR B 131 13.25 -15.53 2.97
N ALA C 1 17.31 -14.45 2.01
CA ALA C 1 16.28 -13.44 1.62
C ALA C 1 16.79 -12.59 0.46
N ASN C 2 15.87 -11.93 -0.23
CA ASN C 2 16.26 -11.07 -1.34
C ASN C 2 15.36 -9.85 -1.46
N THR C 3 15.99 -8.69 -1.54
CA THR C 3 15.27 -7.42 -1.68
C THR C 3 15.48 -6.90 -3.10
N PRO C 4 14.38 -6.60 -3.81
CA PRO C 4 14.48 -6.09 -5.18
C PRO C 4 14.80 -4.60 -5.26
N ASP C 5 15.52 -4.22 -6.30
CA ASP C 5 15.85 -2.82 -6.52
C ASP C 5 14.65 -2.19 -7.23
N ARG C 6 14.07 -2.96 -8.14
CA ARG C 6 12.93 -2.50 -8.94
C ARG C 6 11.56 -2.91 -8.41
N LEU C 7 10.61 -1.99 -8.53
CA LEU C 7 9.25 -2.20 -8.07
C LEU C 7 8.60 -3.48 -8.61
N GLN C 8 7.99 -4.24 -7.71
CA GLN C 8 7.33 -5.49 -8.09
C GLN C 8 5.81 -5.35 -8.00
N GLN C 9 5.11 -6.24 -8.68
CA GLN C 9 3.66 -6.27 -8.72
C GLN C 9 3.18 -7.71 -8.76
N ALA C 10 1.94 -7.92 -8.32
CA ALA C 10 1.36 -9.26 -8.34
C ALA C 10 -0.16 -9.15 -8.26
N SER C 11 -0.84 -9.94 -9.08
CA SER C 11 -2.30 -9.98 -9.04
C SER C 11 -2.63 -11.07 -8.03
N LEU C 12 -3.70 -10.87 -7.27
CA LEU C 12 -4.10 -11.85 -6.27
C LEU C 12 -5.57 -11.60 -5.94
N PRO C 13 -6.29 -12.64 -5.49
CA PRO C 13 -7.72 -12.56 -5.15
C PRO C 13 -8.07 -12.14 -3.72
N LEU C 14 -9.22 -11.51 -3.59
CA LEU C 14 -9.72 -11.10 -2.28
C LEU C 14 -10.42 -12.31 -1.68
N LEU C 15 -10.32 -12.47 -0.36
CA LEU C 15 -10.97 -13.56 0.33
C LEU C 15 -12.03 -12.97 1.25
N SER C 16 -12.94 -13.80 1.73
CA SER C 16 -13.97 -13.34 2.66
C SER C 16 -13.34 -13.42 4.05
N ASN C 17 -13.77 -12.56 4.97
CA ASN C 17 -13.19 -12.60 6.32
C ASN C 17 -13.52 -13.93 6.99
N THR C 18 -14.70 -14.45 6.72
CA THR C 18 -15.12 -15.71 7.29
C THR C 18 -14.16 -16.81 6.87
N ASN C 19 -13.83 -16.84 5.58
CA ASN C 19 -12.92 -17.84 5.02
C ASN C 19 -11.49 -17.63 5.53
N CYS C 20 -11.08 -16.36 5.60
CA CYS C 20 -9.75 -16.04 6.06
C CYS C 20 -9.54 -16.50 7.50
N LYS C 21 -10.62 -16.47 8.27
CA LYS C 21 -10.57 -16.87 9.67
C LYS C 21 -10.19 -18.34 9.77
N LYS C 22 -10.31 -19.06 8.66
CA LYS C 22 -9.95 -20.46 8.63
C LYS C 22 -8.44 -20.60 8.76
N TYR C 23 -7.72 -19.53 8.40
CA TYR C 23 -6.27 -19.53 8.49
C TYR C 23 -5.79 -18.78 9.73
N TRP C 24 -6.39 -17.63 9.97
CA TRP C 24 -5.99 -16.76 11.08
C TRP C 24 -6.87 -16.69 12.32
N GLY C 25 -8.04 -17.31 12.27
CA GLY C 25 -8.92 -17.30 13.43
C GLY C 25 -9.35 -15.92 13.91
N THR C 26 -9.33 -15.73 15.23
CA THR C 26 -9.76 -14.47 15.82
C THR C 26 -8.87 -13.26 15.57
N LYS C 27 -7.77 -13.45 14.84
CA LYS C 27 -6.87 -12.35 14.54
C LYS C 27 -7.51 -11.42 13.51
N ILE C 28 -8.44 -11.97 12.73
CA ILE C 28 -9.13 -11.21 11.70
C ILE C 28 -10.27 -10.38 12.25
N LYS C 29 -10.18 -9.06 12.04
CA LYS C 29 -11.20 -8.12 12.50
C LYS C 29 -11.90 -7.50 11.30
N ASP C 30 -13.03 -6.84 11.56
CA ASP C 30 -13.82 -6.20 10.51
C ASP C 30 -13.05 -5.19 9.66
N ALA C 31 -12.09 -4.50 10.28
CA ALA C 31 -11.28 -3.50 9.58
C ALA C 31 -10.10 -4.11 8.80
N MET C 32 -10.14 -5.42 8.60
CA MET C 32 -9.10 -6.11 7.84
C MET C 32 -9.74 -6.82 6.66
N ILE C 33 -8.97 -7.00 5.60
CA ILE C 33 -9.43 -7.71 4.42
C ILE C 33 -8.25 -8.57 3.97
N CYS C 34 -8.52 -9.84 3.71
CA CYS C 34 -7.48 -10.76 3.28
C CYS C 34 -7.42 -10.92 1.79
N ALA C 35 -6.23 -11.22 1.28
CA ALA C 35 -6.02 -11.42 -0.15
C ALA C 35 -4.79 -12.30 -0.31
N GLY C 36 -4.77 -13.10 -1.38
CA GLY C 36 -3.61 -13.95 -1.59
C GLY C 36 -3.88 -15.44 -1.40
N ALA C 37 -2.91 -16.14 -0.81
CA ALA C 37 -3.00 -17.59 -0.61
C ALA C 37 -3.21 -18.15 -2.02
N SER C 38 -2.62 -17.46 -2.98
CA SER C 38 -2.77 -17.77 -4.39
C SER C 38 -1.48 -18.09 -5.16
N GLY C 39 -0.36 -18.22 -4.45
CA GLY C 39 0.89 -18.51 -5.12
C GLY C 39 1.82 -17.31 -5.04
N VAL C 40 1.34 -16.22 -4.44
CA VAL C 40 2.13 -15.02 -4.26
C VAL C 40 1.88 -14.55 -2.83
N SER C 41 2.74 -13.66 -2.35
CA SER C 41 2.60 -13.12 -0.99
C SER C 41 3.32 -11.80 -0.81
N SER C 42 2.67 -10.89 -0.10
CA SER C 42 3.32 -9.62 0.19
C SER C 42 4.38 -10.08 1.20
N CYS C 43 5.40 -9.27 1.44
CA CYS C 43 6.44 -9.68 2.37
C CYS C 43 7.09 -8.43 2.98
N MET C 44 8.01 -8.63 3.93
CA MET C 44 8.66 -7.51 4.61
C MET C 44 9.19 -6.44 3.66
N GLY C 45 8.70 -5.22 3.85
CA GLY C 45 9.09 -4.10 3.01
C GLY C 45 7.93 -3.64 2.14
N ASP C 46 6.93 -4.50 1.99
CA ASP C 46 5.75 -4.17 1.19
C ASP C 46 4.76 -3.40 2.06
N SER C 47 4.95 -3.54 3.38
CA SER C 47 4.13 -2.90 4.39
C SER C 47 3.76 -1.45 4.05
N GLY C 48 2.48 -1.11 4.18
CA GLY C 48 2.05 0.25 3.91
C GLY C 48 1.68 0.53 2.47
N GLY C 49 2.13 -0.34 1.58
CA GLY C 49 1.83 -0.19 0.17
C GLY C 49 0.38 -0.47 -0.16
N PRO C 50 -0.01 -0.30 -1.43
CA PRO C 50 -1.38 -0.52 -1.87
C PRO C 50 -1.80 -1.91 -2.31
N LEU C 51 -3.11 -2.14 -2.16
CA LEU C 51 -3.78 -3.35 -2.66
C LEU C 51 -4.87 -2.62 -3.42
N VAL C 52 -4.74 -2.57 -4.74
CA VAL C 52 -5.72 -1.88 -5.58
C VAL C 52 -6.51 -2.80 -6.48
N CYS C 53 -7.77 -2.45 -6.70
CA CYS C 53 -8.63 -3.23 -7.56
C CYS C 53 -9.12 -2.34 -8.69
N LYS C 54 -9.06 -2.86 -9.91
CA LYS C 54 -9.47 -2.11 -11.07
C LYS C 54 -10.90 -2.37 -11.49
N LYS C 55 -11.57 -1.30 -11.88
CA LYS C 55 -12.94 -1.37 -12.35
C LYS C 55 -13.13 -0.22 -13.31
N ASN C 56 -13.50 -0.53 -14.55
CA ASN C 56 -13.72 0.49 -15.56
C ASN C 56 -12.48 1.37 -15.77
N GLY C 57 -11.34 0.72 -15.91
CA GLY C 57 -10.10 1.45 -16.17
C GLY C 57 -9.48 2.23 -15.02
N ALA C 58 -10.14 2.27 -13.87
CA ALA C 58 -9.58 3.00 -12.73
C ALA C 58 -9.26 2.09 -11.55
N TRP C 59 -8.21 2.45 -10.82
CA TRP C 59 -7.76 1.68 -9.66
C TRP C 59 -8.16 2.33 -8.35
N THR C 60 -8.76 1.54 -7.46
CA THR C 60 -9.20 2.02 -6.17
C THR C 60 -8.44 1.29 -5.06
N LEU C 61 -8.02 2.03 -4.05
CA LEU C 61 -7.28 1.47 -2.92
C LEU C 61 -8.26 0.73 -2.02
N VAL C 62 -8.24 -0.59 -2.10
CA VAL C 62 -9.12 -1.43 -1.30
C VAL C 62 -8.42 -1.90 -0.02
N GLY C 63 -7.11 -2.00 -0.07
CA GLY C 63 -6.38 -2.45 1.10
C GLY C 63 -5.01 -1.80 1.22
N ILE C 64 -4.45 -1.88 2.42
CA ILE C 64 -3.11 -1.36 2.68
C ILE C 64 -2.33 -2.55 3.24
N VAL C 65 -1.16 -2.84 2.67
CA VAL C 65 -0.35 -3.97 3.13
C VAL C 65 -0.13 -3.86 4.63
N SER C 66 -0.60 -4.85 5.37
CA SER C 66 -0.52 -4.84 6.82
C SER C 66 0.33 -5.95 7.44
N TRP C 67 -0.20 -7.17 7.47
CA TRP C 67 0.54 -8.30 8.06
C TRP C 67 0.18 -9.63 7.43
N GLY C 68 0.83 -10.69 7.89
CA GLY C 68 0.55 -12.01 7.36
C GLY C 68 1.52 -13.06 7.85
N SER C 69 1.76 -14.06 7.00
CA SER C 69 2.66 -15.17 7.31
C SER C 69 4.05 -14.68 7.69
N SER C 70 4.57 -15.18 8.81
CA SER C 70 5.89 -14.81 9.29
C SER C 70 6.98 -15.22 8.31
N THR C 71 6.64 -16.10 7.37
CA THR C 71 7.60 -16.55 6.37
C THR C 71 7.16 -16.21 4.96
N CYS C 72 6.13 -15.38 4.86
CA CYS C 72 5.59 -14.96 3.56
C CYS C 72 5.18 -16.16 2.71
N SER C 73 4.53 -17.13 3.35
CA SER C 73 4.09 -18.32 2.62
C SER C 73 3.05 -17.91 1.58
N THR C 74 3.22 -18.39 0.36
CA THR C 74 2.30 -18.06 -0.72
C THR C 74 0.99 -18.83 -0.68
N SER C 75 0.85 -19.74 0.28
CA SER C 75 -0.38 -20.51 0.40
C SER C 75 -1.21 -20.04 1.59
N THR C 76 -0.78 -18.92 2.17
CA THR C 76 -1.46 -18.31 3.32
C THR C 76 -1.93 -16.93 2.91
N PRO C 77 -3.15 -16.54 3.31
CA PRO C 77 -3.61 -15.21 2.91
C PRO C 77 -2.93 -14.05 3.63
N GLY C 78 -2.62 -13.01 2.88
CA GLY C 78 -2.02 -11.83 3.47
C GLY C 78 -3.17 -11.04 4.04
N VAL C 79 -2.90 -10.23 5.06
CA VAL C 79 -3.95 -9.43 5.68
C VAL C 79 -3.67 -7.95 5.44
N TYR C 80 -4.67 -7.25 4.94
CA TYR C 80 -4.56 -5.85 4.61
C TYR C 80 -5.57 -5.00 5.38
N ALA C 81 -5.25 -3.72 5.58
CA ALA C 81 -6.19 -2.83 6.28
C ALA C 81 -7.31 -2.57 5.29
N ARG C 82 -8.55 -2.79 5.71
CA ARG C 82 -9.72 -2.61 4.85
C ARG C 82 -10.05 -1.13 4.74
N VAL C 83 -9.71 -0.55 3.58
CA VAL C 83 -9.92 0.88 3.36
C VAL C 83 -11.36 1.37 3.47
N THR C 84 -12.35 0.54 3.12
CA THR C 84 -13.74 0.99 3.23
C THR C 84 -14.09 1.28 4.70
N ALA C 85 -13.43 0.57 5.61
CA ALA C 85 -13.68 0.75 7.04
C ALA C 85 -12.90 1.94 7.61
N LEU C 86 -12.01 2.50 6.80
CA LEU C 86 -11.16 3.60 7.25
C LEU C 86 -11.24 4.88 6.43
N VAL C 87 -11.95 4.85 5.30
CA VAL C 87 -12.02 6.02 4.44
C VAL C 87 -12.75 7.23 5.02
N ASN C 88 -13.75 7.00 5.85
CA ASN C 88 -14.48 8.12 6.46
C ASN C 88 -13.49 8.93 7.29
N TRP C 89 -12.62 8.23 8.02
CA TRP C 89 -11.60 8.89 8.84
C TRP C 89 -10.62 9.63 7.94
N VAL C 90 -10.26 9.04 6.80
CA VAL C 90 -9.35 9.68 5.88
C VAL C 90 -9.95 11.00 5.38
N GLN C 91 -11.19 10.95 4.90
CA GLN C 91 -11.86 12.13 4.38
C GLN C 91 -11.94 13.26 5.42
N GLN C 92 -12.24 12.88 6.66
CA GLN C 92 -12.36 13.82 7.75
C GLN C 92 -11.05 14.51 8.08
N THR C 93 -9.99 13.72 8.20
CA THR C 93 -8.66 14.22 8.53
C THR C 93 -8.18 15.20 7.47
N LEU C 94 -8.42 14.87 6.21
CA LEU C 94 -8.01 15.74 5.10
C LEU C 94 -8.81 17.04 5.14
N ALA C 95 -10.13 16.91 5.29
CA ALA C 95 -11.01 18.07 5.34
C ALA C 95 -10.66 19.00 6.50
N ALA C 96 -10.17 18.43 7.60
CA ALA C 96 -9.82 19.24 8.76
C ALA C 96 -8.38 19.77 8.78
N ASN C 97 -7.58 19.38 7.80
CA ASN C 97 -6.20 19.82 7.76
C ASN C 97 -5.74 20.31 6.40
S SO4 D . -8.03 11.03 14.91
O1 SO4 D . -9.33 11.72 14.81
O2 SO4 D . -7.18 11.49 13.80
O3 SO4 D . -8.25 9.57 14.81
O4 SO4 D . -7.40 11.34 16.20
CN2 APL E . 20.17 7.68 -1.52
CN1 APL E . 19.65 6.26 -1.66
ON1 APL E . 19.80 5.45 -0.74
N3 APL E . 19.04 5.93 -2.80
C3 APL E . 18.34 6.92 -3.63
C2 APL E . 16.85 7.01 -3.21
C1 APL E . 16.10 8.15 -3.93
C4 APL E . 18.51 6.55 -5.12
OY APL E . 16.14 5.84 -3.44
OX APL E . 16.76 7.38 -1.85
F11 APL E . 16.81 9.28 -3.89
F12 APL E . 14.93 8.43 -3.33
F13 APL E . 15.84 7.89 -5.20
CP1 APL E . 19.96 6.43 -5.54
CP2 APL E . 20.77 7.57 -5.62
CP3 APL E . 22.12 7.48 -5.96
CP4 APL E . 22.67 6.23 -6.23
CP5 APL E . 21.89 5.08 -6.16
CP6 APL E . 20.54 5.19 -5.82
C1 EDO F . -13.22 5.56 -9.71
O1 EDO F . -14.01 5.11 -10.84
C2 EDO F . -13.70 6.91 -9.24
O2 EDO F . -14.94 6.74 -8.58
C1 EDO G . 1.18 -7.34 16.92
O1 EDO G . 1.43 -8.77 17.03
C2 EDO G . 2.38 -6.54 17.34
O2 EDO G . 3.51 -6.96 16.59
S SO4 H . 16.03 -6.54 -9.14
O1 SO4 H . 15.19 -5.34 -9.36
O2 SO4 H . 17.13 -6.58 -10.12
O3 SO4 H . 15.19 -7.74 -9.28
O4 SO4 H . 16.61 -6.51 -7.77
S SO4 I . -14.31 -9.30 1.22
O1 SO4 I . -14.78 -7.91 1.07
O2 SO4 I . -13.64 -9.46 2.52
O3 SO4 I . -13.34 -9.59 0.14
O4 SO4 I . -15.44 -10.22 1.13
CN2 APF J . 3.79 -6.87 10.06
CN1 APF J . 4.71 -7.04 8.86
ON1 APF J . 5.78 -7.63 8.98
N3 APF J . 4.28 -6.53 7.70
C3 APF J . 5.14 -6.45 6.52
C2 APF J . 5.68 -5.02 6.34
C1 APF J . 6.78 -4.63 7.39
C4 APF J . 4.35 -6.86 5.28
O2 APF J . 6.33 -4.90 5.11
F11 APF J . 6.28 -4.54 8.62
F12 APF J . 7.37 -3.46 7.11
F13 APF J . 7.77 -5.54 7.43
CP1 APF J . 3.90 -8.29 5.25
CP2 APF J . 2.67 -8.64 4.70
CP3 APF J . 2.27 -9.96 4.64
CP4 APF J . 3.09 -10.96 5.15
CP5 APF J . 4.32 -10.64 5.72
CP6 APF J . 4.72 -9.29 5.77
C1 EDO K . -1.86 -9.95 13.95
O1 EDO K . -2.53 -10.46 15.12
C2 EDO K . -0.37 -9.97 14.16
O2 EDO K . 0.07 -11.30 14.19
C1 EDO L . -8.80 12.47 -1.45
O1 EDO L . -10.11 12.69 -0.89
C2 EDO L . -8.52 13.51 -2.51
O2 EDO L . -8.21 14.74 -1.87
#